data_3EFR
#
_entry.id   3EFR
#
_cell.length_a   41.251
_cell.length_b   79.928
_cell.length_c   140.173
_cell.angle_alpha   90.00
_cell.angle_beta   90.00
_cell.angle_gamma   90.00
#
_symmetry.space_group_name_H-M   'P 21 21 21'
#
loop_
_entity.id
_entity.type
_entity.pdbx_description
1 polymer 'Biotin [acetyl-CoA-carboxylase] ligase'
2 non-polymer BIOTIN
3 non-polymer 'SULFATE ION'
4 water water
#
_entity_poly.entity_id   1
_entity_poly.type   'polypeptide(L)'
_entity_poly.pdbx_seq_one_letter_code
;MFKNLIWLKEVDSTQERLKEWNVSYGTALVADRQTKGRGGLGRKWLSQEGGLYFSFLLNPKEFENLLQLPLVLGLSVSEA
LEEITEIPFSLKWPNDVYFQEKKVSGVLRELSKDKLIVGIGINVNQREIPEEIKDRATTLYEITGKDWDRKEVLLKVLKR
ISENLKKFKEKSFKEFKGKIESKMLYLGEEVKLLGEGKITGKLVGLSEKGGALILTEEGIKEILSGEFSLRRS
;
_entity_poly.pdbx_strand_id   A,B
#
# COMPACT_ATOMS: atom_id res chain seq x y z
N MET A 1 4.99 -29.56 -19.55
CA MET A 1 5.13 -29.16 -20.95
C MET A 1 4.25 -27.96 -21.27
N PHE A 2 4.58 -26.81 -20.69
CA PHE A 2 3.84 -25.59 -20.96
C PHE A 2 4.36 -24.95 -22.26
N LYS A 3 3.91 -25.48 -23.40
CA LYS A 3 4.42 -25.00 -24.68
C LYS A 3 3.38 -24.90 -25.79
N ASN A 4 2.14 -25.26 -25.48
CA ASN A 4 1.04 -25.11 -26.44
C ASN A 4 0.08 -24.00 -26.03
N LEU A 5 -0.27 -23.14 -26.98
CA LEU A 5 -0.96 -21.89 -26.66
C LEU A 5 -2.37 -21.76 -27.23
N ILE A 6 -3.16 -20.90 -26.59
CA ILE A 6 -4.44 -20.47 -27.13
C ILE A 6 -4.44 -18.94 -27.08
N TRP A 7 -4.07 -18.32 -28.20
CA TRP A 7 -3.86 -16.87 -28.22
C TRP A 7 -5.03 -16.10 -28.81
N LEU A 8 -5.77 -15.39 -27.96
CA LEU A 8 -6.90 -14.58 -28.42
C LEU A 8 -6.52 -13.10 -28.46
N LYS A 9 -7.32 -12.30 -29.13
CA LYS A 9 -7.02 -10.88 -29.30
C LYS A 9 -7.73 -10.02 -28.26
N GLU A 10 -8.75 -10.57 -27.63
CA GLU A 10 -9.49 -9.86 -26.60
C GLU A 10 -10.47 -10.76 -25.84
N VAL A 11 -10.45 -10.65 -24.51
CA VAL A 11 -11.42 -11.34 -23.66
C VAL A 11 -11.70 -10.45 -22.46
N ASP A 12 -12.78 -10.75 -21.74
CA ASP A 12 -13.06 -10.04 -20.49
C ASP A 12 -11.94 -10.30 -19.50
N SER A 13 -11.54 -11.57 -19.40
CA SER A 13 -10.44 -11.97 -18.53
C SER A 13 -10.05 -13.42 -18.83
N THR A 14 -8.76 -13.65 -19.07
CA THR A 14 -8.27 -14.99 -19.29
C THR A 14 -8.61 -15.89 -18.09
N GLN A 15 -8.76 -15.27 -16.94
CA GLN A 15 -9.16 -15.98 -15.73
C GLN A 15 -10.59 -16.47 -15.85
N GLU A 16 -11.46 -15.61 -16.36
CA GLU A 16 -12.88 -15.92 -16.48
C GLU A 16 -13.12 -16.99 -17.54
N ARG A 17 -12.38 -16.91 -18.64
CA ARG A 17 -12.53 -17.87 -19.72
C ARG A 17 -12.18 -19.28 -19.26
N LEU A 18 -11.06 -19.42 -18.56
CA LEU A 18 -10.66 -20.72 -18.04
C LEU A 18 -11.61 -21.20 -16.95
N LYS A 19 -12.25 -20.24 -16.29
CA LYS A 19 -13.27 -20.53 -15.30
C LYS A 19 -14.51 -21.07 -16.00
N GLU A 20 -14.68 -20.67 -17.26
CA GLU A 20 -15.83 -21.10 -18.06
C GLU A 20 -15.50 -22.34 -18.88
N TRP A 21 -14.48 -22.24 -19.72
CA TRP A 21 -14.10 -23.35 -20.60
C TRP A 21 -13.43 -24.48 -19.83
N ASN A 22 -13.54 -25.69 -20.37
CA ASN A 22 -12.87 -26.86 -19.82
C ASN A 22 -11.59 -27.17 -20.59
N VAL A 23 -10.49 -26.55 -20.19
CA VAL A 23 -9.22 -26.74 -20.88
C VAL A 23 -8.38 -27.79 -20.16
N SER A 24 -7.38 -28.32 -20.85
CA SER A 24 -6.48 -29.30 -20.27
C SER A 24 -5.32 -28.61 -19.57
N TYR A 25 -4.89 -29.15 -18.43
CA TYR A 25 -3.79 -28.57 -17.67
C TYR A 25 -2.55 -28.40 -18.54
N GLY A 26 -1.78 -27.36 -18.26
CA GLY A 26 -0.53 -27.13 -18.96
C GLY A 26 -0.67 -26.36 -20.26
N THR A 27 -1.88 -25.85 -20.51
CA THR A 27 -2.12 -25.05 -21.71
C THR A 27 -2.45 -23.61 -21.32
N ALA A 28 -1.75 -22.65 -21.93
CA ALA A 28 -1.90 -21.25 -21.57
C ALA A 28 -2.83 -20.46 -22.51
N LEU A 29 -3.80 -19.78 -21.92
CA LEU A 29 -4.69 -18.91 -22.67
C LEU A 29 -4.18 -17.47 -22.65
N VAL A 30 -3.73 -16.99 -23.80
CA VAL A 30 -3.19 -15.64 -23.90
C VAL A 30 -4.19 -14.68 -24.53
N ALA A 31 -4.16 -13.43 -24.10
CA ALA A 31 -5.04 -12.41 -24.65
C ALA A 31 -4.34 -11.07 -24.75
N ASP A 32 -4.33 -10.50 -25.96
CA ASP A 32 -3.69 -9.22 -26.22
C ASP A 32 -4.34 -8.10 -25.41
N ARG A 33 -5.66 -8.21 -25.23
CA ARG A 33 -6.42 -7.16 -24.56
C ARG A 33 -7.42 -7.77 -23.57
N GLN A 34 -7.60 -7.11 -22.44
CA GLN A 34 -8.56 -7.57 -21.43
C GLN A 34 -9.50 -6.44 -21.00
N THR A 35 -10.78 -6.58 -21.32
CA THR A 35 -11.77 -5.55 -21.01
C THR A 35 -12.18 -5.56 -19.55
N LYS A 36 -12.11 -6.72 -18.92
CA LYS A 36 -12.49 -6.87 -17.51
C LYS A 36 -11.42 -7.58 -16.70
N GLY A 37 -10.15 -7.26 -16.98
CA GLY A 37 -9.06 -7.86 -16.23
C GLY A 37 -9.21 -7.62 -14.74
N ARG A 38 -8.63 -8.51 -13.93
CA ARG A 38 -8.74 -8.38 -12.48
C ARG A 38 -7.45 -8.78 -11.76
N GLY A 39 -7.14 -8.07 -10.68
CA GLY A 39 -5.96 -8.36 -9.89
C GLY A 39 -4.91 -7.28 -10.00
N GLY A 40 -3.99 -7.25 -9.04
CA GLY A 40 -2.87 -6.33 -9.07
C GLY A 40 -3.23 -4.87 -9.26
N LEU A 41 -2.58 -4.25 -10.25
CA LEU A 41 -2.66 -2.80 -10.44
C LEU A 41 -3.95 -2.31 -11.10
N GLY A 42 -4.95 -3.18 -11.20
CA GLY A 42 -6.26 -2.76 -11.65
C GLY A 42 -6.70 -3.23 -13.02
N ARG A 43 -7.96 -2.96 -13.33
CA ARG A 43 -8.58 -3.39 -14.58
C ARG A 43 -8.22 -2.49 -15.77
N LYS A 44 -8.11 -1.19 -15.51
CA LYS A 44 -7.83 -0.22 -16.55
C LYS A 44 -6.55 -0.51 -17.33
N TRP A 45 -5.49 -0.82 -16.61
CA TRP A 45 -4.18 -1.01 -17.24
C TRP A 45 -4.00 -2.44 -17.74
N LEU A 46 -4.88 -3.33 -17.30
CA LEU A 46 -4.86 -4.72 -17.78
C LEU A 46 -5.52 -4.81 -19.14
N SER A 47 -5.98 -3.67 -19.64
CA SER A 47 -6.56 -3.60 -20.97
C SER A 47 -5.61 -2.86 -21.93
N GLN A 48 -4.40 -2.58 -21.45
CA GLN A 48 -3.40 -1.91 -22.27
C GLN A 48 -2.73 -2.85 -23.26
N GLU A 49 -2.38 -2.32 -24.42
CA GLU A 49 -1.64 -3.09 -25.42
C GLU A 49 -0.16 -3.08 -25.07
N GLY A 50 0.49 -4.22 -25.26
CA GLY A 50 1.90 -4.35 -24.95
C GLY A 50 2.15 -5.25 -23.76
N GLY A 51 1.14 -5.42 -22.92
CA GLY A 51 1.25 -6.28 -21.76
C GLY A 51 1.08 -7.74 -22.13
N LEU A 52 1.62 -8.63 -21.29
CA LEU A 52 1.50 -10.06 -21.51
C LEU A 52 0.52 -10.67 -20.51
N TYR A 53 -0.71 -10.92 -20.95
CA TYR A 53 -1.75 -11.44 -20.07
C TYR A 53 -2.13 -12.86 -20.46
N PHE A 54 -1.97 -13.80 -19.53
CA PHE A 54 -2.30 -15.19 -19.80
C PHE A 54 -2.67 -15.94 -18.52
N SER A 55 -3.38 -17.05 -18.68
CA SER A 55 -3.77 -17.90 -17.57
C SER A 55 -3.62 -19.37 -17.94
N PHE A 56 -3.56 -20.24 -16.93
CA PHE A 56 -3.45 -21.68 -17.18
C PHE A 56 -3.96 -22.49 -16.00
N LEU A 57 -4.44 -23.70 -16.28
CA LEU A 57 -4.99 -24.57 -15.25
C LEU A 57 -3.93 -25.51 -14.65
N LEU A 58 -3.95 -25.61 -13.32
CA LEU A 58 -3.15 -26.59 -12.62
C LEU A 58 -4.09 -27.53 -11.87
N ASN A 59 -3.59 -28.70 -11.50
CA ASN A 59 -4.39 -29.66 -10.74
C ASN A 59 -4.41 -29.30 -9.25
N PRO A 60 -5.61 -28.97 -8.74
CA PRO A 60 -5.78 -28.61 -7.33
C PRO A 60 -5.28 -29.72 -6.40
N LYS A 61 -5.54 -30.96 -6.76
CA LYS A 61 -5.15 -32.11 -5.96
C LYS A 61 -3.63 -32.30 -5.91
N GLU A 62 -2.91 -31.49 -6.69
CA GLU A 62 -1.48 -31.71 -6.88
C GLU A 62 -0.63 -30.54 -6.40
N PHE A 63 -1.23 -29.36 -6.29
CA PHE A 63 -0.54 -28.19 -5.73
C PHE A 63 -1.35 -27.61 -4.58
N GLU A 64 -1.16 -28.17 -3.39
CA GLU A 64 -2.02 -27.88 -2.25
C GLU A 64 -1.79 -26.52 -1.58
N ASN A 65 -0.53 -26.11 -1.45
CA ASN A 65 -0.23 -24.84 -0.80
C ASN A 65 -0.30 -23.66 -1.75
N LEU A 66 -1.30 -22.80 -1.57
CA LEU A 66 -1.48 -21.64 -2.42
C LEU A 66 -0.78 -20.41 -1.83
N LEU A 67 0.34 -20.65 -1.17
CA LEU A 67 1.20 -19.60 -0.64
C LEU A 67 2.60 -19.74 -1.22
N GLN A 68 3.09 -20.97 -1.23
CA GLN A 68 4.38 -21.28 -1.82
C GLN A 68 4.28 -21.27 -3.34
N LEU A 69 3.15 -21.76 -3.85
CA LEU A 69 2.91 -21.82 -5.29
C LEU A 69 3.14 -20.48 -5.98
N PRO A 70 2.51 -19.40 -5.47
CA PRO A 70 2.68 -18.07 -6.07
C PRO A 70 4.14 -17.62 -6.03
N LEU A 71 4.85 -18.00 -4.98
CA LEU A 71 6.25 -17.64 -4.82
C LEU A 71 7.13 -18.37 -5.85
N VAL A 72 6.84 -19.65 -6.06
CA VAL A 72 7.57 -20.45 -7.04
C VAL A 72 7.29 -19.93 -8.45
N LEU A 73 6.04 -19.57 -8.71
CA LEU A 73 5.66 -19.03 -10.00
C LEU A 73 6.32 -17.67 -10.23
N GLY A 74 6.31 -16.83 -9.21
CA GLY A 74 6.96 -15.54 -9.28
C GLY A 74 8.45 -15.70 -9.53
N LEU A 75 9.05 -16.67 -8.86
CA LEU A 75 10.46 -16.98 -9.04
C LEU A 75 10.73 -17.42 -10.47
N SER A 76 9.79 -18.18 -11.03
CA SER A 76 9.90 -18.65 -12.41
C SER A 76 9.78 -17.49 -13.40
N VAL A 77 8.86 -16.57 -13.11
CA VAL A 77 8.65 -15.41 -13.96
C VAL A 77 9.89 -14.52 -14.01
N SER A 78 10.47 -14.27 -12.85
CA SER A 78 11.65 -13.40 -12.76
C SER A 78 12.84 -14.06 -13.44
N GLU A 79 13.01 -15.36 -13.23
CA GLU A 79 14.11 -16.11 -13.83
C GLU A 79 14.08 -16.00 -15.35
N ALA A 80 12.88 -16.09 -15.92
CA ALA A 80 12.72 -16.01 -17.37
C ALA A 80 13.07 -14.64 -17.90
N LEU A 81 12.60 -13.60 -17.20
CA LEU A 81 12.87 -12.22 -17.60
C LEU A 81 14.35 -11.89 -17.48
N GLU A 82 14.99 -12.43 -16.46
CA GLU A 82 16.42 -12.21 -16.25
C GLU A 82 17.25 -12.92 -17.31
N GLU A 83 16.85 -14.12 -17.68
CA GLU A 83 17.52 -14.87 -18.74
C GLU A 83 17.42 -14.13 -20.07
N ILE A 84 16.27 -13.49 -20.30
CA ILE A 84 16.03 -12.79 -21.55
C ILE A 84 16.72 -11.43 -21.60
N THR A 85 16.39 -10.57 -20.63
CA THR A 85 16.87 -9.20 -20.64
C THR A 85 18.24 -9.04 -19.98
N GLU A 86 18.62 -10.02 -19.18
CA GLU A 86 19.86 -9.96 -18.43
C GLU A 86 19.83 -8.78 -17.46
N ILE A 87 18.63 -8.46 -16.99
CA ILE A 87 18.42 -7.43 -15.99
C ILE A 87 18.02 -8.10 -14.67
N PRO A 88 18.58 -7.62 -13.56
CA PRO A 88 18.25 -8.18 -12.24
C PRO A 88 16.83 -7.79 -11.80
N PHE A 89 16.07 -8.77 -11.32
CA PHE A 89 14.73 -8.51 -10.80
C PHE A 89 14.60 -8.99 -9.36
N SER A 90 13.69 -8.38 -8.61
CA SER A 90 13.45 -8.77 -7.23
C SER A 90 12.05 -9.35 -7.09
N LEU A 91 11.85 -10.16 -6.06
CA LEU A 91 10.55 -10.73 -5.77
C LEU A 91 9.91 -10.04 -4.57
N LYS A 92 8.69 -9.54 -4.74
CA LYS A 92 7.96 -8.97 -3.62
C LYS A 92 6.95 -9.97 -3.09
N TRP A 93 7.18 -10.44 -1.88
CA TRP A 93 6.27 -11.37 -1.22
C TRP A 93 4.83 -10.85 -1.33
N PRO A 94 3.89 -11.75 -1.65
CA PRO A 94 4.14 -13.17 -1.85
C PRO A 94 4.07 -13.59 -3.31
N ASN A 95 3.99 -12.64 -4.25
CA ASN A 95 3.75 -13.00 -5.64
C ASN A 95 4.38 -12.08 -6.69
N ASP A 96 4.37 -10.77 -6.43
CA ASP A 96 4.79 -9.79 -7.42
C ASP A 96 6.28 -9.87 -7.81
N VAL A 97 6.55 -9.60 -9.09
CA VAL A 97 7.93 -9.45 -9.56
C VAL A 97 8.23 -7.97 -9.75
N TYR A 98 9.30 -7.51 -9.13
CA TYR A 98 9.64 -6.09 -9.14
C TYR A 98 11.00 -5.82 -9.77
N PHE A 99 11.13 -4.66 -10.41
CA PHE A 99 12.43 -4.12 -10.75
C PHE A 99 12.66 -2.88 -9.90
N GLN A 100 13.48 -3.03 -8.86
CA GLN A 100 13.70 -1.97 -7.90
C GLN A 100 12.41 -1.63 -7.16
N GLU A 101 11.94 -0.40 -7.31
CA GLU A 101 10.77 0.06 -6.57
C GLU A 101 9.45 -0.20 -7.27
N LYS A 102 9.49 -0.50 -8.57
CA LYS A 102 8.26 -0.66 -9.35
C LYS A 102 8.00 -2.10 -9.77
N LYS A 103 6.73 -2.45 -9.87
CA LYS A 103 6.32 -3.81 -10.23
C LYS A 103 6.39 -4.05 -11.74
N VAL A 104 6.76 -5.27 -12.11
CA VAL A 104 6.85 -5.65 -13.51
C VAL A 104 5.86 -6.78 -13.83
N SER A 105 5.54 -7.58 -12.82
CA SER A 105 4.67 -8.72 -13.00
C SER A 105 3.92 -9.09 -11.72
N GLY A 106 2.77 -9.73 -11.88
CA GLY A 106 1.98 -10.16 -10.74
C GLY A 106 1.36 -11.52 -10.97
N VAL A 107 1.35 -12.35 -9.92
CA VAL A 107 0.80 -13.69 -10.03
C VAL A 107 -0.52 -13.84 -9.27
N LEU A 108 -1.57 -14.19 -10.00
CA LEU A 108 -2.90 -14.37 -9.42
C LEU A 108 -3.30 -15.84 -9.47
N ARG A 109 -3.98 -16.30 -8.42
CA ARG A 109 -4.43 -17.69 -8.36
C ARG A 109 -5.81 -17.81 -7.70
N GLU A 110 -6.75 -18.38 -8.43
CA GLU A 110 -8.10 -18.56 -7.92
C GLU A 110 -8.49 -20.03 -7.89
N LEU A 111 -9.55 -20.35 -7.17
CA LEU A 111 -10.10 -21.71 -7.17
C LEU A 111 -11.58 -21.68 -7.52
N SER A 112 -12.03 -22.70 -8.25
CA SER A 112 -13.43 -22.84 -8.63
C SER A 112 -13.71 -24.29 -8.99
N LYS A 113 -14.70 -24.88 -8.33
CA LYS A 113 -14.99 -26.31 -8.49
C LYS A 113 -13.73 -27.12 -8.24
N ASP A 114 -13.21 -27.75 -9.30
CA ASP A 114 -11.94 -28.45 -9.22
C ASP A 114 -10.93 -27.82 -10.16
N LYS A 115 -10.80 -26.50 -10.08
CA LYS A 115 -9.90 -25.74 -10.93
C LYS A 115 -8.98 -24.85 -10.13
N LEU A 116 -7.74 -24.73 -10.58
CA LEU A 116 -6.78 -23.79 -10.00
C LEU A 116 -6.29 -22.83 -11.07
N ILE A 117 -7.00 -21.71 -11.22
CA ILE A 117 -6.73 -20.77 -12.30
C ILE A 117 -5.59 -19.83 -11.92
N VAL A 118 -4.47 -19.96 -12.62
CA VAL A 118 -3.32 -19.08 -12.39
C VAL A 118 -3.25 -18.00 -13.48
N GLY A 119 -3.33 -16.75 -13.06
CA GLY A 119 -3.25 -15.63 -13.99
C GLY A 119 -1.99 -14.81 -13.78
N ILE A 120 -1.26 -14.56 -14.87
CA ILE A 120 -0.02 -13.82 -14.80
C ILE A 120 0.01 -12.65 -15.77
N GLY A 121 0.33 -11.47 -15.26
CA GLY A 121 0.47 -10.29 -16.09
C GLY A 121 1.90 -9.78 -16.09
N ILE A 122 2.46 -9.58 -17.27
CA ILE A 122 3.84 -9.11 -17.39
C ILE A 122 3.90 -7.80 -18.19
N ASN A 123 4.64 -6.83 -17.65
CA ASN A 123 4.80 -5.55 -18.33
C ASN A 123 5.95 -5.60 -19.32
N VAL A 124 5.62 -5.73 -20.61
CA VAL A 124 6.63 -5.89 -21.64
C VAL A 124 6.77 -4.66 -22.54
N ASN A 125 5.71 -4.31 -23.26
CA ASN A 125 5.81 -3.30 -24.31
C ASN A 125 4.88 -2.09 -24.16
N GLN A 126 4.22 -1.97 -23.01
CA GLN A 126 3.37 -0.80 -22.77
C GLN A 126 4.20 0.48 -22.86
N ARG A 127 3.86 1.34 -23.80
CA ARG A 127 4.61 2.57 -24.03
C ARG A 127 4.04 3.73 -23.24
N GLU A 128 2.71 3.76 -23.11
CA GLU A 128 2.03 4.85 -22.41
C GLU A 128 1.56 4.42 -21.03
N ILE A 129 2.47 4.44 -20.06
CA ILE A 129 2.14 4.05 -18.70
C ILE A 129 1.19 5.04 -18.04
N PRO A 130 0.11 4.54 -17.42
CA PRO A 130 -0.86 5.38 -16.71
C PRO A 130 -0.20 6.21 -15.61
N GLU A 131 -0.62 7.47 -15.50
CA GLU A 131 -0.03 8.39 -14.53
C GLU A 131 -0.28 7.92 -13.09
N GLU A 132 -1.39 7.22 -12.88
CA GLU A 132 -1.79 6.80 -11.54
C GLU A 132 -0.98 5.62 -11.01
N ILE A 133 -0.29 4.92 -11.90
CA ILE A 133 0.56 3.80 -11.48
C ILE A 133 2.00 3.97 -11.99
N LYS A 134 2.32 5.16 -12.49
CA LYS A 134 3.67 5.47 -12.91
C LYS A 134 4.65 5.24 -11.76
N ASP A 135 4.15 5.46 -10.54
CA ASP A 135 4.96 5.35 -9.34
C ASP A 135 5.18 3.89 -8.90
N ARG A 136 4.19 3.04 -9.13
CA ARG A 136 4.24 1.68 -8.63
C ARG A 136 4.58 0.63 -9.68
N ALA A 137 4.53 1.04 -10.95
CA ALA A 137 4.71 0.08 -12.04
C ALA A 137 5.69 0.56 -13.12
N THR A 138 6.36 -0.41 -13.74
CA THR A 138 7.26 -0.12 -14.85
C THR A 138 7.16 -1.26 -15.87
N THR A 139 7.77 -1.08 -17.04
CA THR A 139 7.71 -2.10 -18.09
C THR A 139 9.10 -2.51 -18.55
N LEU A 140 9.18 -3.66 -19.21
CA LEU A 140 10.43 -4.12 -19.78
C LEU A 140 10.97 -3.05 -20.73
N TYR A 141 10.09 -2.48 -21.53
CA TYR A 141 10.46 -1.45 -22.49
C TYR A 141 11.09 -0.23 -21.80
N GLU A 142 10.44 0.26 -20.75
CA GLU A 142 10.95 1.41 -20.01
C GLU A 142 12.31 1.10 -19.40
N ILE A 143 12.44 -0.09 -18.82
CA ILE A 143 13.67 -0.50 -18.16
C ILE A 143 14.82 -0.65 -19.15
N THR A 144 14.59 -1.44 -20.19
CA THR A 144 15.65 -1.80 -21.13
C THR A 144 15.83 -0.80 -22.27
N GLY A 145 14.77 -0.07 -22.59
CA GLY A 145 14.82 0.92 -23.64
C GLY A 145 14.58 0.32 -25.01
N LYS A 146 13.77 -0.73 -25.06
CA LYS A 146 13.46 -1.42 -26.29
C LYS A 146 12.30 -2.39 -26.10
N ASP A 147 11.62 -2.71 -27.19
CA ASP A 147 10.51 -3.67 -27.13
C ASP A 147 11.02 -5.11 -27.11
N TRP A 148 10.13 -6.03 -26.77
CA TRP A 148 10.47 -7.44 -26.70
C TRP A 148 9.36 -8.30 -27.30
N ASP A 149 9.75 -9.38 -27.97
CA ASP A 149 8.79 -10.30 -28.55
C ASP A 149 7.97 -10.97 -27.45
N ARG A 150 6.72 -10.56 -27.31
CA ARG A 150 5.84 -11.07 -26.26
C ARG A 150 5.67 -12.59 -26.33
N LYS A 151 5.78 -13.15 -27.53
CA LYS A 151 5.67 -14.59 -27.69
C LYS A 151 6.93 -15.30 -27.18
N GLU A 152 8.08 -14.75 -27.52
CA GLU A 152 9.35 -15.29 -27.03
C GLU A 152 9.42 -15.25 -25.51
N VAL A 153 8.94 -14.15 -24.93
CA VAL A 153 8.93 -13.99 -23.49
C VAL A 153 8.03 -15.03 -22.84
N LEU A 154 6.80 -15.14 -23.35
CA LEU A 154 5.82 -16.08 -22.82
C LEU A 154 6.35 -17.52 -22.82
N LEU A 155 7.08 -17.87 -23.87
CA LEU A 155 7.58 -19.23 -24.03
C LEU A 155 8.65 -19.59 -23.01
N LYS A 156 9.60 -18.68 -22.79
CA LYS A 156 10.65 -18.92 -21.82
C LYS A 156 10.12 -18.85 -20.39
N VAL A 157 9.03 -18.10 -20.21
CA VAL A 157 8.37 -18.03 -18.91
C VAL A 157 7.64 -19.33 -18.63
N LEU A 158 6.83 -19.75 -19.58
CA LEU A 158 6.12 -21.02 -19.48
C LEU A 158 7.09 -22.19 -19.24
N LYS A 159 8.27 -22.10 -19.85
CA LYS A 159 9.27 -23.15 -19.68
C LYS A 159 9.79 -23.20 -18.25
N ARG A 160 10.16 -22.04 -17.71
CA ARG A 160 10.62 -21.97 -16.33
C ARG A 160 9.55 -22.42 -15.36
N ILE A 161 8.32 -21.98 -15.59
CA ILE A 161 7.19 -22.40 -14.77
C ILE A 161 7.07 -23.92 -14.78
N SER A 162 7.10 -24.50 -15.98
CA SER A 162 7.05 -25.94 -16.16
C SER A 162 8.17 -26.62 -15.39
N GLU A 163 9.40 -26.21 -15.66
CA GLU A 163 10.58 -26.81 -15.06
C GLU A 163 10.56 -26.71 -13.53
N ASN A 164 10.21 -25.54 -13.01
CA ASN A 164 10.17 -25.31 -11.57
C ASN A 164 9.03 -26.04 -10.86
N LEU A 165 7.89 -26.12 -11.52
CA LEU A 165 6.73 -26.81 -10.95
C LEU A 165 6.98 -28.31 -10.83
N LYS A 166 7.79 -28.84 -11.73
CA LYS A 166 8.15 -30.26 -11.70
C LYS A 166 9.04 -30.55 -10.49
N LYS A 167 9.97 -29.64 -10.22
CA LYS A 167 10.83 -29.77 -9.05
C LYS A 167 10.03 -29.58 -7.76
N PHE A 168 9.21 -28.54 -7.74
CA PHE A 168 8.39 -28.24 -6.57
C PHE A 168 7.51 -29.43 -6.20
N LYS A 169 7.16 -30.23 -7.19
CA LYS A 169 6.39 -31.44 -6.97
C LYS A 169 7.28 -32.60 -6.52
N GLU A 170 8.22 -32.98 -7.37
CA GLU A 170 9.13 -34.09 -7.08
C GLU A 170 9.83 -33.91 -5.73
N LYS A 171 10.29 -32.70 -5.48
CA LYS A 171 11.02 -32.38 -4.26
C LYS A 171 10.14 -31.60 -3.29
N SER A 172 10.53 -30.37 -2.97
CA SER A 172 9.75 -29.56 -2.04
C SER A 172 10.09 -28.07 -2.18
N PHE A 173 9.47 -27.26 -1.32
CA PHE A 173 9.71 -25.82 -1.33
C PHE A 173 11.13 -25.50 -0.86
N LYS A 174 11.74 -26.46 -0.15
CA LYS A 174 13.13 -26.32 0.27
C LYS A 174 14.03 -25.97 -0.91
N GLU A 175 13.64 -26.42 -2.09
CA GLU A 175 14.43 -26.20 -3.30
C GLU A 175 14.47 -24.75 -3.75
N PHE A 176 13.50 -23.96 -3.29
CA PHE A 176 13.36 -22.59 -3.77
C PHE A 176 13.45 -21.54 -2.65
N LYS A 177 13.36 -21.99 -1.41
CA LYS A 177 13.40 -21.06 -0.28
C LYS A 177 14.58 -20.09 -0.38
N GLY A 178 15.77 -20.64 -0.55
CA GLY A 178 16.98 -19.83 -0.65
C GLY A 178 16.95 -18.89 -1.84
N LYS A 179 16.58 -19.41 -2.99
CA LYS A 179 16.51 -18.61 -4.21
C LYS A 179 15.54 -17.45 -4.04
N ILE A 180 14.36 -17.75 -3.51
CA ILE A 180 13.32 -16.74 -3.31
C ILE A 180 13.71 -15.72 -2.26
N GLU A 181 14.03 -16.19 -1.05
CA GLU A 181 14.37 -15.33 0.06
C GLU A 181 15.47 -14.33 -0.29
N SER A 182 16.44 -14.77 -1.08
CA SER A 182 17.59 -13.95 -1.41
C SER A 182 17.26 -12.84 -2.40
N LYS A 183 16.12 -12.97 -3.08
CA LYS A 183 15.69 -11.96 -4.04
C LYS A 183 14.56 -11.11 -3.48
N MET A 184 14.18 -11.37 -2.23
CA MET A 184 13.06 -10.67 -1.60
C MET A 184 13.26 -9.17 -1.53
N LEU A 185 12.18 -8.43 -1.81
CA LEU A 185 12.24 -6.98 -1.77
C LEU A 185 11.99 -6.48 -0.35
N TYR A 186 12.57 -5.32 -0.02
CA TYR A 186 12.38 -4.71 1.28
C TYR A 186 13.00 -5.52 2.43
N LEU A 187 13.79 -6.53 2.08
CA LEU A 187 14.44 -7.36 3.09
C LEU A 187 15.41 -6.52 3.92
N GLY A 188 15.32 -6.64 5.24
CA GLY A 188 16.16 -5.87 6.14
C GLY A 188 15.60 -4.50 6.44
N GLU A 189 14.51 -4.14 5.77
CA GLU A 189 13.90 -2.82 5.95
C GLU A 189 12.63 -2.91 6.79
N GLU A 190 12.17 -1.75 7.25
CA GLU A 190 10.90 -1.65 7.97
C GLU A 190 9.75 -1.78 6.98
N VAL A 191 8.84 -2.71 7.24
CA VAL A 191 7.70 -2.93 6.35
C VAL A 191 6.39 -3.06 7.12
N LYS A 192 5.28 -3.09 6.39
CA LYS A 192 3.96 -3.21 7.01
C LYS A 192 3.07 -4.18 6.23
N LEU A 193 2.59 -5.21 6.91
CA LEU A 193 1.68 -6.17 6.30
C LEU A 193 0.24 -5.90 6.72
N LEU A 194 -0.68 -5.97 5.76
CA LEU A 194 -2.09 -5.79 6.03
C LEU A 194 -2.92 -6.83 5.29
N GLY A 195 -4.14 -7.06 5.78
CA GLY A 195 -5.00 -8.09 5.22
C GLY A 195 -5.96 -8.59 6.27
N GLU A 196 -5.50 -9.50 7.12
CA GLU A 196 -6.28 -9.96 8.25
C GLU A 196 -5.71 -9.39 9.54
N GLY A 197 -5.02 -8.26 9.41
CA GLY A 197 -4.42 -7.56 10.54
C GLY A 197 -3.43 -6.55 9.99
N LYS A 198 -2.64 -5.95 10.86
CA LYS A 198 -1.56 -5.07 10.40
C LYS A 198 -0.32 -5.15 11.28
N ILE A 199 0.64 -5.94 10.85
CA ILE A 199 1.91 -6.09 11.56
C ILE A 199 2.96 -5.20 10.92
N THR A 200 3.69 -4.45 11.75
CA THR A 200 4.75 -3.58 11.25
C THR A 200 6.08 -3.87 11.96
N GLY A 201 7.12 -4.06 11.15
CA GLY A 201 8.45 -4.35 11.68
C GLY A 201 9.45 -4.58 10.56
N LYS A 202 10.62 -5.10 10.91
CA LYS A 202 11.68 -5.32 9.93
C LYS A 202 11.57 -6.72 9.30
N LEU A 203 11.39 -6.75 7.99
CA LEU A 203 11.37 -8.01 7.24
C LEU A 203 12.73 -8.69 7.33
N VAL A 204 12.79 -9.77 8.11
CA VAL A 204 14.07 -10.43 8.38
C VAL A 204 14.32 -11.63 7.48
N GLY A 205 13.31 -12.07 6.74
CA GLY A 205 13.48 -13.16 5.82
C GLY A 205 12.25 -13.97 5.48
N LEU A 206 12.47 -15.20 5.06
CA LEU A 206 11.40 -16.10 4.62
C LEU A 206 11.56 -17.47 5.27
N SER A 207 10.49 -17.99 5.85
CA SER A 207 10.51 -19.29 6.50
C SER A 207 10.55 -20.40 5.45
N GLU A 208 10.86 -21.61 5.89
CA GLU A 208 10.90 -22.76 5.00
C GLU A 208 9.50 -23.16 4.54
N LYS A 209 8.49 -22.54 5.16
CA LYS A 209 7.10 -22.77 4.78
C LYS A 209 6.63 -21.74 3.75
N GLY A 210 7.45 -20.72 3.53
CA GLY A 210 7.13 -19.67 2.57
C GLY A 210 6.53 -18.46 3.24
N GLY A 211 6.53 -18.46 4.57
CA GLY A 211 5.97 -17.36 5.34
C GLY A 211 6.92 -16.19 5.47
N ALA A 212 6.37 -14.99 5.48
CA ALA A 212 7.16 -13.77 5.64
C ALA A 212 7.50 -13.56 7.12
N LEU A 213 8.78 -13.43 7.41
CA LEU A 213 9.25 -13.26 8.77
C LEU A 213 9.44 -11.78 9.12
N ILE A 214 8.59 -11.27 10.01
CA ILE A 214 8.65 -9.87 10.41
C ILE A 214 9.11 -9.73 11.86
N LEU A 215 10.14 -8.90 12.07
CA LEU A 215 10.67 -8.66 13.41
C LEU A 215 9.89 -7.55 14.10
N THR A 216 8.96 -7.92 14.98
CA THR A 216 8.18 -6.95 15.72
C THR A 216 8.85 -6.68 17.06
N GLU A 217 8.23 -5.85 17.89
CA GLU A 217 8.77 -5.56 19.21
C GLU A 217 8.80 -6.83 20.06
N GLU A 218 7.72 -7.61 19.99
CA GLU A 218 7.64 -8.83 20.77
C GLU A 218 7.83 -10.08 19.90
N GLY A 219 9.02 -10.19 19.31
CA GLY A 219 9.41 -11.37 18.57
C GLY A 219 9.21 -11.28 17.07
N ILE A 220 9.78 -12.25 16.36
CA ILE A 220 9.59 -12.35 14.91
C ILE A 220 8.36 -13.18 14.60
N LYS A 221 7.45 -12.61 13.82
CA LYS A 221 6.21 -13.30 13.47
C LYS A 221 6.27 -13.84 12.05
N GLU A 222 5.73 -15.03 11.86
CA GLU A 222 5.72 -15.68 10.55
C GLU A 222 4.35 -15.56 9.92
N ILE A 223 4.28 -14.88 8.78
CA ILE A 223 3.01 -14.65 8.09
C ILE A 223 2.78 -15.64 6.94
N LEU A 224 1.76 -16.48 7.08
CA LEU A 224 1.49 -17.53 6.10
C LEU A 224 0.29 -17.21 5.22
N SER A 225 -0.62 -16.38 5.73
CA SER A 225 -1.85 -16.05 5.01
C SER A 225 -1.57 -15.32 3.70
N GLY A 226 -2.13 -15.83 2.61
CA GLY A 226 -2.01 -15.19 1.32
C GLY A 226 -2.78 -13.89 1.26
N GLU A 227 -3.76 -13.74 2.16
CA GLU A 227 -4.53 -12.51 2.27
C GLU A 227 -3.62 -11.29 2.37
N PHE A 228 -2.59 -11.40 3.20
CA PHE A 228 -1.71 -10.28 3.49
C PHE A 228 -0.99 -9.73 2.26
N SER A 229 -0.89 -8.41 2.20
CA SER A 229 -0.11 -7.72 1.18
C SER A 229 1.04 -6.99 1.86
N LEU A 230 2.22 -7.03 1.25
CA LEU A 230 3.40 -6.41 1.84
C LEU A 230 3.73 -5.06 1.18
N ARG A 231 3.61 -3.99 1.96
CA ARG A 231 3.94 -2.65 1.48
C ARG A 231 4.98 -2.01 2.40
N ARG A 232 5.61 -0.95 1.92
CA ARG A 232 6.63 -0.25 2.69
C ARG A 232 6.06 0.38 3.96
N SER A 233 6.95 0.72 4.90
CA SER A 233 6.55 1.38 6.13
C SER A 233 7.77 1.80 6.95
N MET B 1 -9.33 26.02 22.61
CA MET B 1 -8.21 26.93 22.74
C MET B 1 -6.87 26.21 22.69
N PHE B 2 -6.56 25.63 21.53
CA PHE B 2 -5.28 24.97 21.33
C PHE B 2 -4.20 25.99 21.03
N LYS B 3 -3.69 26.66 22.05
CA LYS B 3 -2.71 27.72 21.83
C LYS B 3 -1.60 27.81 22.88
N ASN B 4 -1.63 26.92 23.87
CA ASN B 4 -0.55 26.85 24.84
C ASN B 4 0.27 25.58 24.67
N LEU B 5 1.59 25.72 24.65
CA LEU B 5 2.47 24.63 24.23
C LEU B 5 3.40 24.09 25.31
N ILE B 6 3.87 22.86 25.10
CA ILE B 6 4.95 22.28 25.88
C ILE B 6 6.01 21.79 24.89
N TRP B 7 6.99 22.63 24.61
CA TRP B 7 7.98 22.31 23.57
C TRP B 7 9.26 21.69 24.14
N LEU B 8 9.48 20.42 23.84
CA LEU B 8 10.70 19.73 24.25
C LEU B 8 11.62 19.51 23.05
N LYS B 9 12.89 19.24 23.33
CA LYS B 9 13.88 19.10 22.27
C LYS B 9 14.06 17.64 21.85
N GLU B 10 13.65 16.72 22.71
CA GLU B 10 13.74 15.29 22.41
C GLU B 10 12.97 14.41 23.39
N VAL B 11 12.20 13.48 22.84
CA VAL B 11 11.48 12.49 23.64
C VAL B 11 11.45 11.18 22.86
N ASP B 12 11.13 10.09 23.54
CA ASP B 12 10.93 8.81 22.86
C ASP B 12 9.77 8.94 21.89
N SER B 13 8.67 9.50 22.38
CA SER B 13 7.48 9.73 21.57
C SER B 13 6.51 10.62 22.33
N THR B 14 6.08 11.71 21.70
CA THR B 14 5.11 12.60 22.30
C THR B 14 3.85 11.82 22.70
N GLN B 15 3.60 10.73 21.98
CA GLN B 15 2.48 9.85 22.28
C GLN B 15 2.69 9.16 23.63
N GLU B 16 3.90 8.68 23.85
CA GLU B 16 4.24 7.97 25.07
C GLU B 16 4.22 8.89 26.29
N ARG B 17 4.74 10.10 26.11
CA ARG B 17 4.80 11.07 27.20
C ARG B 17 3.39 11.41 27.69
N LEU B 18 2.50 11.72 26.76
CA LEU B 18 1.12 12.04 27.12
C LEU B 18 0.39 10.83 27.68
N LYS B 19 0.90 9.65 27.33
CA LYS B 19 0.39 8.39 27.87
C LYS B 19 0.85 8.25 29.32
N GLU B 20 2.01 8.83 29.62
CA GLU B 20 2.58 8.79 30.96
C GLU B 20 2.11 9.99 31.78
N TRP B 21 2.28 11.19 31.24
CA TRP B 21 1.95 12.42 31.95
C TRP B 21 0.44 12.67 31.97
N ASN B 22 0.00 13.35 33.02
CA ASN B 22 -1.40 13.75 33.15
C ASN B 22 -1.58 15.22 32.74
N VAL B 23 -1.64 15.46 31.43
CA VAL B 23 -1.77 16.81 30.92
C VAL B 23 -3.24 17.18 30.79
N SER B 24 -3.51 18.49 30.68
CA SER B 24 -4.87 18.96 30.51
C SER B 24 -5.23 19.01 29.03
N TYR B 25 -6.48 18.69 28.71
CA TYR B 25 -6.93 18.69 27.31
C TYR B 25 -6.68 20.02 26.64
N GLY B 26 -6.31 19.97 25.36
CA GLY B 26 -6.14 21.17 24.56
C GLY B 26 -4.72 21.70 24.53
N THR B 27 -3.82 21.05 25.27
CA THR B 27 -2.42 21.48 25.31
C THR B 27 -1.57 20.53 24.48
N ALA B 28 -0.75 21.08 23.59
CA ALA B 28 0.04 20.28 22.67
C ALA B 28 1.49 20.10 23.12
N LEU B 29 1.93 18.84 23.19
CA LEU B 29 3.31 18.51 23.52
C LEU B 29 4.14 18.36 22.25
N VAL B 30 5.05 19.30 22.02
CA VAL B 30 5.88 19.29 20.82
C VAL B 30 7.28 18.79 21.11
N ALA B 31 7.87 18.10 20.13
CA ALA B 31 9.23 17.58 20.28
C ALA B 31 10.01 17.68 18.98
N ASP B 32 11.18 18.33 19.03
CA ASP B 32 12.01 18.52 17.86
C ASP B 32 12.52 17.19 17.31
N ARG B 33 12.75 16.24 18.22
CA ARG B 33 13.33 14.95 17.85
C ARG B 33 12.64 13.81 18.60
N GLN B 34 12.39 12.71 17.90
CA GLN B 34 11.75 11.55 18.50
C GLN B 34 12.57 10.29 18.29
N THR B 35 13.12 9.74 19.36
CA THR B 35 13.99 8.56 19.27
C THR B 35 13.20 7.28 19.07
N LYS B 36 11.95 7.25 19.52
CA LYS B 36 11.10 6.07 19.41
C LYS B 36 9.74 6.40 18.82
N GLY B 37 9.70 7.30 17.84
CA GLY B 37 8.45 7.67 17.20
C GLY B 37 7.74 6.45 16.65
N ARG B 38 6.42 6.53 16.53
CA ARG B 38 5.63 5.41 16.03
C ARG B 38 4.46 5.86 15.17
N GLY B 39 4.11 5.03 14.18
CA GLY B 39 3.02 5.32 13.27
C GLY B 39 3.52 5.83 11.93
N GLY B 40 2.63 5.84 10.94
CA GLY B 40 2.94 6.36 9.63
C GLY B 40 4.16 5.75 8.96
N LEU B 41 5.05 6.62 8.46
CA LEU B 41 6.16 6.20 7.63
C LEU B 41 7.37 5.69 8.40
N GLY B 42 7.17 5.30 9.66
CA GLY B 42 8.21 4.65 10.42
C GLY B 42 8.88 5.48 11.51
N ARG B 43 9.67 4.81 12.33
CA ARG B 43 10.35 5.42 13.47
C ARG B 43 11.60 6.19 13.06
N LYS B 44 12.31 5.67 12.06
CA LYS B 44 13.56 6.28 11.61
C LYS B 44 13.41 7.74 11.20
N TRP B 45 12.40 8.03 10.39
CA TRP B 45 12.23 9.36 9.84
C TRP B 45 11.50 10.29 10.81
N LEU B 46 10.88 9.71 11.83
CA LEU B 46 10.20 10.49 12.86
C LEU B 46 11.22 11.05 13.84
N SER B 47 12.49 10.71 13.63
CA SER B 47 13.57 11.25 14.42
C SER B 47 14.37 12.27 13.62
N GLN B 48 13.87 12.64 12.45
CA GLN B 48 14.53 13.62 11.61
C GLN B 48 14.28 15.04 12.09
N GLU B 49 15.25 15.91 11.87
CA GLU B 49 15.10 17.32 12.19
C GLU B 49 14.35 18.03 11.05
N GLY B 50 13.49 18.98 11.41
CA GLY B 50 12.72 19.70 10.41
C GLY B 50 11.26 19.33 10.42
N GLY B 51 10.94 18.15 10.95
CA GLY B 51 9.57 17.71 11.04
C GLY B 51 8.84 18.32 12.22
N LEU B 52 7.51 18.37 12.13
CA LEU B 52 6.70 18.91 13.22
C LEU B 52 5.96 17.79 13.94
N TYR B 53 6.50 17.39 15.08
CA TYR B 53 5.94 16.28 15.85
C TYR B 53 5.31 16.75 17.15
N PHE B 54 4.02 16.51 17.32
CA PHE B 54 3.32 16.89 18.53
C PHE B 54 2.12 16.00 18.81
N SER B 55 1.64 16.05 20.05
CA SER B 55 0.47 15.27 20.45
C SER B 55 -0.36 16.06 21.46
N PHE B 56 -1.63 15.69 21.61
CA PHE B 56 -2.49 16.37 22.57
C PHE B 56 -3.63 15.47 23.04
N LEU B 57 -4.13 15.75 24.24
CA LEU B 57 -5.21 14.95 24.81
C LEU B 57 -6.59 15.50 24.47
N LEU B 58 -7.51 14.59 24.13
CA LEU B 58 -8.91 14.93 23.96
C LEU B 58 -9.74 14.10 24.92
N ASN B 59 -10.95 14.57 25.23
CA ASN B 59 -11.81 13.85 26.15
C ASN B 59 -12.52 12.70 25.44
N PRO B 60 -12.23 11.46 25.87
CA PRO B 60 -12.82 10.25 25.29
C PRO B 60 -14.34 10.27 25.37
N LYS B 61 -14.88 10.76 26.47
CA LYS B 61 -16.32 10.80 26.67
C LYS B 61 -17.01 11.80 25.76
N GLU B 62 -16.23 12.49 24.92
CA GLU B 62 -16.76 13.62 24.17
C GLU B 62 -16.49 13.56 22.67
N PHE B 63 -15.60 12.68 22.24
CA PHE B 63 -15.26 12.57 20.83
C PHE B 63 -15.33 11.14 20.29
N GLU B 64 -16.27 10.91 19.37
CA GLU B 64 -16.38 9.62 18.70
C GLU B 64 -15.09 9.34 17.95
N ASN B 65 -14.20 8.58 18.57
CA ASN B 65 -12.90 8.27 17.98
C ASN B 65 -13.03 7.28 16.84
N LEU B 66 -14.21 7.21 16.23
CA LEU B 66 -14.46 6.30 15.12
C LEU B 66 -13.55 6.61 13.92
N LEU B 67 -14.17 6.98 12.81
CA LEU B 67 -13.41 7.30 11.60
C LEU B 67 -13.51 8.78 11.30
N GLN B 68 -14.52 9.42 11.89
CA GLN B 68 -14.77 10.85 11.67
C GLN B 68 -13.70 11.74 12.29
N LEU B 69 -13.32 11.44 13.53
CA LEU B 69 -12.34 12.25 14.24
C LEU B 69 -11.04 12.43 13.45
N PRO B 70 -10.41 11.33 13.03
CA PRO B 70 -9.16 11.42 12.26
C PRO B 70 -9.36 12.21 10.96
N LEU B 71 -10.52 12.05 10.34
CA LEU B 71 -10.83 12.75 9.10
C LEU B 71 -10.93 14.26 9.32
N VAL B 72 -11.63 14.66 10.38
CA VAL B 72 -11.77 16.07 10.71
C VAL B 72 -10.41 16.67 11.04
N LEU B 73 -9.60 15.93 11.79
CA LEU B 73 -8.27 16.38 12.15
C LEU B 73 -7.39 16.53 10.92
N GLY B 74 -7.45 15.54 10.02
CA GLY B 74 -6.71 15.60 8.77
C GLY B 74 -7.18 16.77 7.92
N LEU B 75 -8.49 16.98 7.91
CA LEU B 75 -9.08 18.11 7.19
C LEU B 75 -8.54 19.43 7.76
N SER B 76 -8.41 19.48 9.08
CA SER B 76 -7.90 20.67 9.76
C SER B 76 -6.43 20.90 9.42
N VAL B 77 -5.66 19.81 9.40
CA VAL B 77 -4.24 19.89 9.10
C VAL B 77 -3.99 20.42 7.69
N SER B 78 -4.75 19.92 6.72
CA SER B 78 -4.61 20.35 5.34
C SER B 78 -5.04 21.81 5.19
N GLU B 79 -6.13 22.17 5.84
CA GLU B 79 -6.65 23.54 5.78
C GLU B 79 -5.61 24.55 6.26
N ALA B 80 -4.92 24.21 7.33
CA ALA B 80 -3.91 25.09 7.90
C ALA B 80 -2.74 25.27 6.94
N LEU B 81 -2.26 24.14 6.39
CA LEU B 81 -1.14 24.18 5.46
C LEU B 81 -1.49 24.94 4.19
N GLU B 82 -2.73 24.78 3.73
CA GLU B 82 -3.21 25.49 2.54
C GLU B 82 -3.27 27.00 2.79
N GLU B 83 -3.77 27.38 3.96
CA GLU B 83 -3.85 28.79 4.34
C GLU B 83 -2.46 29.42 4.36
N ILE B 84 -1.48 28.65 4.84
CA ILE B 84 -0.12 29.14 4.98
C ILE B 84 0.63 29.16 3.64
N THR B 85 0.76 27.99 3.01
CA THR B 85 1.55 27.86 1.80
C THR B 85 0.81 28.31 0.54
N GLU B 86 -0.52 28.32 0.62
CA GLU B 86 -1.35 28.64 -0.54
C GLU B 86 -1.19 27.56 -1.59
N ILE B 87 -0.91 26.34 -1.13
CA ILE B 87 -0.79 25.17 -1.99
C ILE B 87 -1.95 24.23 -1.72
N PRO B 88 -2.50 23.62 -2.77
CA PRO B 88 -3.59 22.65 -2.60
C PRO B 88 -3.11 21.32 -2.03
N PHE B 89 -3.83 20.81 -1.04
CA PHE B 89 -3.52 19.51 -0.44
C PHE B 89 -4.72 18.57 -0.53
N SER B 90 -4.44 17.27 -0.63
CA SER B 90 -5.49 16.26 -0.69
C SER B 90 -5.51 15.43 0.58
N LEU B 91 -6.66 14.84 0.88
CA LEU B 91 -6.79 13.96 2.04
C LEU B 91 -6.84 12.50 1.61
N LYS B 92 -6.02 11.66 2.21
CA LYS B 92 -6.08 10.23 1.96
C LYS B 92 -6.77 9.53 3.11
N TRP B 93 -7.95 8.99 2.84
CA TRP B 93 -8.72 8.25 3.83
C TRP B 93 -7.81 7.25 4.54
N PRO B 94 -7.92 7.14 5.87
CA PRO B 94 -8.88 7.92 6.67
C PRO B 94 -8.22 9.04 7.48
N ASN B 95 -6.94 9.32 7.24
CA ASN B 95 -6.22 10.27 8.09
C ASN B 95 -5.13 11.10 7.40
N ASP B 96 -4.31 10.45 6.58
CA ASP B 96 -3.13 11.10 6.00
C ASP B 96 -3.46 12.33 5.16
N VAL B 97 -2.56 13.32 5.21
CA VAL B 97 -2.63 14.48 4.34
C VAL B 97 -1.58 14.37 3.25
N TYR B 98 -2.01 14.47 1.99
CA TYR B 98 -1.12 14.26 0.86
C TYR B 98 -0.99 15.50 -0.02
N PHE B 99 0.18 15.63 -0.65
CA PHE B 99 0.33 16.55 -1.76
C PHE B 99 0.59 15.73 -3.01
N GLN B 100 -0.46 15.54 -3.81
CA GLN B 100 -0.41 14.69 -4.99
C GLN B 100 -0.22 13.23 -4.57
N GLU B 101 0.89 12.63 -5.00
CA GLU B 101 1.12 11.21 -4.75
C GLU B 101 1.88 10.94 -3.45
N LYS B 102 2.45 11.98 -2.85
CA LYS B 102 3.26 11.79 -1.65
C LYS B 102 2.61 12.38 -0.39
N LYS B 103 2.88 11.73 0.74
CA LYS B 103 2.30 12.16 2.02
C LYS B 103 3.07 13.33 2.63
N VAL B 104 2.34 14.22 3.29
CA VAL B 104 2.94 15.38 3.95
C VAL B 104 2.69 15.30 5.46
N SER B 105 1.57 14.70 5.85
CA SER B 105 1.21 14.61 7.25
C SER B 105 0.39 13.35 7.53
N GLY B 106 0.38 12.94 8.80
CA GLY B 106 -0.36 11.77 9.22
C GLY B 106 -0.95 11.95 10.61
N VAL B 107 -2.17 11.44 10.79
CA VAL B 107 -2.85 11.58 12.08
C VAL B 107 -2.95 10.24 12.80
N LEU B 108 -2.45 10.20 14.03
CA LEU B 108 -2.48 8.99 14.85
C LEU B 108 -3.32 9.23 16.09
N ARG B 109 -4.11 8.23 16.47
CA ARG B 109 -4.95 8.32 17.67
C ARG B 109 -4.96 7.01 18.45
N GLU B 110 -4.61 7.10 19.73
CA GLU B 110 -4.58 5.93 20.60
C GLU B 110 -5.51 6.13 21.79
N LEU B 111 -5.83 5.04 22.48
CA LEU B 111 -6.63 5.11 23.70
C LEU B 111 -5.93 4.37 24.84
N SER B 112 -6.01 4.94 26.04
CA SER B 112 -5.41 4.34 27.22
C SER B 112 -6.11 4.88 28.46
N LYS B 113 -6.61 3.98 29.30
CA LYS B 113 -7.42 4.37 30.45
C LYS B 113 -8.55 5.29 29.98
N ASP B 114 -8.53 6.52 30.43
CA ASP B 114 -9.48 7.53 29.97
C ASP B 114 -8.77 8.64 29.20
N LYS B 115 -7.91 8.23 28.28
CA LYS B 115 -7.11 9.15 27.48
C LYS B 115 -7.31 8.91 25.99
N LEU B 116 -7.36 9.99 25.21
CA LEU B 116 -7.40 9.91 23.76
C LEU B 116 -6.22 10.66 23.17
N ILE B 117 -5.11 9.95 22.99
CA ILE B 117 -3.87 10.58 22.53
C ILE B 117 -3.85 10.76 21.02
N VAL B 118 -3.89 12.02 20.57
CA VAL B 118 -3.81 12.33 19.16
C VAL B 118 -2.40 12.80 18.78
N GLY B 119 -1.75 12.04 17.90
CA GLY B 119 -0.42 12.39 17.45
C GLY B 119 -0.40 12.82 16.00
N ILE B 120 0.26 13.93 15.72
CA ILE B 120 0.31 14.46 14.37
C ILE B 120 1.74 14.80 13.95
N GLY B 121 2.15 14.30 12.79
CA GLY B 121 3.44 14.62 12.24
C GLY B 121 3.31 15.36 10.92
N ILE B 122 4.03 16.47 10.79
CA ILE B 122 3.98 17.28 9.58
C ILE B 122 5.36 17.45 8.97
N ASN B 123 5.46 17.19 7.67
CA ASN B 123 6.73 17.35 6.95
C ASN B 123 6.94 18.80 6.53
N VAL B 124 7.75 19.51 7.30
CA VAL B 124 7.94 20.94 7.10
C VAL B 124 9.29 21.29 6.50
N ASN B 125 10.37 20.94 7.19
CA ASN B 125 11.70 21.42 6.80
C ASN B 125 12.76 20.33 6.62
N GLN B 126 12.35 19.07 6.65
CA GLN B 126 13.29 17.98 6.40
C GLN B 126 13.96 18.17 5.04
N ARG B 127 15.29 18.30 5.06
CA ARG B 127 16.05 18.55 3.84
C ARG B 127 16.54 17.26 3.21
N GLU B 128 16.93 16.31 4.05
CA GLU B 128 17.49 15.04 3.57
C GLU B 128 16.48 13.91 3.69
N ILE B 129 15.55 13.83 2.74
CA ILE B 129 14.53 12.79 2.75
C ILE B 129 15.15 11.41 2.52
N PRO B 130 14.80 10.44 3.37
CA PRO B 130 15.30 9.06 3.25
C PRO B 130 14.93 8.44 1.91
N GLU B 131 15.85 7.68 1.32
CA GLU B 131 15.64 7.09 0.01
C GLU B 131 14.46 6.12 -0.01
N GLU B 132 14.25 5.44 1.12
CA GLU B 132 13.23 4.40 1.21
C GLU B 132 11.80 4.94 1.22
N ILE B 133 11.64 6.23 1.52
CA ILE B 133 10.33 6.85 1.51
C ILE B 133 10.28 8.07 0.60
N LYS B 134 11.32 8.23 -0.22
CA LYS B 134 11.36 9.31 -1.22
C LYS B 134 10.15 9.21 -2.13
N ASP B 135 9.65 8.00 -2.32
CA ASP B 135 8.54 7.74 -3.22
C ASP B 135 7.18 8.05 -2.58
N ARG B 136 7.05 7.80 -1.29
CA ARG B 136 5.77 7.92 -0.61
C ARG B 136 5.59 9.22 0.16
N ALA B 137 6.68 9.96 0.36
CA ALA B 137 6.63 11.15 1.21
C ALA B 137 7.33 12.37 0.60
N THR B 138 6.84 13.55 0.97
CA THR B 138 7.44 14.81 0.58
C THR B 138 7.38 15.79 1.75
N THR B 139 7.96 16.97 1.58
CA THR B 139 7.96 17.97 2.65
C THR B 139 7.49 19.33 2.13
N LEU B 140 7.05 20.19 3.05
CA LEU B 140 6.67 21.55 2.67
C LEU B 140 7.81 22.25 1.95
N TYR B 141 9.03 22.02 2.43
CA TYR B 141 10.21 22.62 1.83
C TYR B 141 10.42 22.15 0.40
N GLU B 142 10.36 20.84 0.18
CA GLU B 142 10.51 20.27 -1.16
C GLU B 142 9.44 20.82 -2.09
N ILE B 143 8.21 20.90 -1.58
CA ILE B 143 7.08 21.38 -2.37
C ILE B 143 7.23 22.84 -2.76
N THR B 144 7.41 23.69 -1.75
CA THR B 144 7.36 25.14 -1.94
C THR B 144 8.71 25.74 -2.36
N GLY B 145 9.80 25.08 -1.98
CA GLY B 145 11.13 25.55 -2.31
C GLY B 145 11.69 26.52 -1.29
N LYS B 146 11.13 26.47 -0.08
CA LYS B 146 11.55 27.35 1.00
CA LYS B 146 11.61 27.32 1.00
C LYS B 146 11.17 26.75 2.36
N ASP B 147 11.91 27.12 3.40
CA ASP B 147 11.62 26.64 4.74
C ASP B 147 10.44 27.40 5.35
N TRP B 148 9.92 26.87 6.46
CA TRP B 148 8.77 27.46 7.12
C TRP B 148 8.95 27.44 8.64
N ASP B 149 8.48 28.49 9.30
CA ASP B 149 8.53 28.55 10.76
C ASP B 149 7.65 27.47 11.35
N ARG B 150 8.28 26.44 11.92
CA ARG B 150 7.55 25.31 12.48
C ARG B 150 6.58 25.72 13.60
N LYS B 151 6.90 26.81 14.30
CA LYS B 151 6.03 27.30 15.36
C LYS B 151 4.79 27.97 14.77
N GLU B 152 5.00 28.79 13.74
CA GLU B 152 3.89 29.44 13.05
C GLU B 152 2.93 28.41 12.48
N VAL B 153 3.47 27.36 11.86
CA VAL B 153 2.65 26.31 11.30
C VAL B 153 1.83 25.62 12.37
N LEU B 154 2.50 25.21 13.45
CA LEU B 154 1.84 24.52 14.55
C LEU B 154 0.66 25.32 15.12
N LEU B 155 0.82 26.63 15.18
CA LEU B 155 -0.20 27.50 15.77
C LEU B 155 -1.45 27.59 14.91
N LYS B 156 -1.27 27.73 13.60
CA LYS B 156 -2.40 27.80 12.67
C LYS B 156 -3.05 26.44 12.50
N VAL B 157 -2.28 25.38 12.73
CA VAL B 157 -2.82 24.02 12.70
C VAL B 157 -3.66 23.78 13.94
N LEU B 158 -3.09 24.06 15.10
CA LEU B 158 -3.80 23.94 16.37
C LEU B 158 -5.08 24.78 16.36
N LYS B 159 -5.04 25.92 15.68
CA LYS B 159 -6.21 26.79 15.60
C LYS B 159 -7.32 26.13 14.80
N ARG B 160 -6.98 25.60 13.63
CA ARG B 160 -7.96 24.92 12.79
C ARG B 160 -8.55 23.70 13.51
N ILE B 161 -7.68 22.92 14.14
CA ILE B 161 -8.13 21.77 14.91
C ILE B 161 -9.12 22.22 15.98
N SER B 162 -8.75 23.27 16.71
CA SER B 162 -9.60 23.84 17.73
C SER B 162 -10.96 24.25 17.17
N GLU B 163 -10.91 25.09 16.13
CA GLU B 163 -12.13 25.62 15.51
C GLU B 163 -13.02 24.52 14.95
N ASN B 164 -12.41 23.56 14.26
CA ASN B 164 -13.16 22.47 13.65
C ASN B 164 -13.74 21.48 14.66
N LEU B 165 -12.98 21.19 15.72
CA LEU B 165 -13.43 20.27 16.75
C LEU B 165 -14.63 20.84 17.51
N LYS B 166 -14.72 22.16 17.57
CA LYS B 166 -15.84 22.82 18.22
C LYS B 166 -17.11 22.64 17.40
N LYS B 167 -16.97 22.77 16.09
CA LYS B 167 -18.09 22.54 15.17
C LYS B 167 -18.50 21.08 15.18
N PHE B 168 -17.53 20.19 15.04
CA PHE B 168 -17.77 18.76 15.03
C PHE B 168 -18.53 18.32 16.27
N LYS B 169 -18.35 19.06 17.37
CA LYS B 169 -19.07 18.80 18.61
C LYS B 169 -20.46 19.42 18.58
N GLU B 170 -20.51 20.74 18.53
CA GLU B 170 -21.77 21.47 18.52
C GLU B 170 -22.72 20.94 17.44
N LYS B 171 -22.16 20.63 16.28
CA LYS B 171 -22.94 20.16 15.16
C LYS B 171 -22.71 18.66 14.93
N SER B 172 -22.24 18.30 13.74
CA SER B 172 -22.03 16.90 13.42
C SER B 172 -21.00 16.74 12.29
N PHE B 173 -20.75 15.50 11.89
CA PHE B 173 -19.81 15.22 10.81
C PHE B 173 -20.35 15.72 9.48
N LYS B 174 -21.67 15.91 9.42
CA LYS B 174 -22.32 16.45 8.23
C LYS B 174 -21.65 17.75 7.79
N GLU B 175 -21.04 18.45 8.74
CA GLU B 175 -20.40 19.72 8.47
C GLU B 175 -19.12 19.59 7.63
N PHE B 176 -18.52 18.41 7.65
CA PHE B 176 -17.22 18.22 7.01
C PHE B 176 -17.23 17.17 5.90
N LYS B 177 -18.28 16.35 5.86
CA LYS B 177 -18.37 15.29 4.86
C LYS B 177 -18.02 15.80 3.46
N GLY B 178 -18.74 16.83 3.03
CA GLY B 178 -18.52 17.41 1.70
C GLY B 178 -17.10 17.90 1.51
N LYS B 179 -16.62 18.69 2.47
CA LYS B 179 -15.26 19.23 2.40
C LYS B 179 -14.23 18.10 2.25
N ILE B 180 -14.34 17.10 3.12
CA ILE B 180 -13.41 15.97 3.11
C ILE B 180 -13.51 15.18 1.82
N GLU B 181 -14.71 14.72 1.50
CA GLU B 181 -14.94 13.87 0.33
C GLU B 181 -14.42 14.51 -0.96
N SER B 182 -14.52 15.82 -1.04
CA SER B 182 -14.13 16.54 -2.26
C SER B 182 -12.63 16.66 -2.41
N LYS B 183 -11.89 16.38 -1.33
CA LYS B 183 -10.44 16.44 -1.36
C LYS B 183 -9.83 15.04 -1.33
N MET B 184 -10.70 14.03 -1.25
CA MET B 184 -10.25 12.64 -1.14
C MET B 184 -9.33 12.21 -2.28
N LEU B 185 -8.29 11.47 -1.93
CA LEU B 185 -7.32 11.00 -2.91
C LEU B 185 -7.79 9.68 -3.50
N TYR B 186 -7.38 9.42 -4.74
CA TYR B 186 -7.72 8.16 -5.42
C TYR B 186 -9.22 8.01 -5.68
N LEU B 187 -9.97 9.08 -5.50
CA LEU B 187 -11.40 9.04 -5.77
C LEU B 187 -11.65 8.78 -7.26
N GLY B 188 -12.61 7.91 -7.55
CA GLY B 188 -12.91 7.56 -8.92
C GLY B 188 -11.92 6.58 -9.51
N GLU B 189 -10.87 6.27 -8.76
CA GLU B 189 -9.84 5.34 -9.23
C GLU B 189 -10.03 3.95 -8.62
N GLU B 190 -9.31 2.98 -9.17
CA GLU B 190 -9.29 1.63 -8.62
C GLU B 190 -8.37 1.59 -7.40
N VAL B 191 -8.91 1.16 -6.27
CA VAL B 191 -8.13 1.13 -5.03
C VAL B 191 -8.26 -0.20 -4.31
N LYS B 192 -7.47 -0.38 -3.26
CA LYS B 192 -7.48 -1.61 -2.47
C LYS B 192 -7.37 -1.32 -0.98
N LEU B 193 -8.35 -1.78 -0.21
CA LEU B 193 -8.33 -1.59 1.23
C LEU B 193 -7.94 -2.88 1.94
N LEU B 194 -7.02 -2.78 2.91
CA LEU B 194 -6.58 -3.93 3.67
C LEU B 194 -6.55 -3.62 5.16
N GLY B 195 -6.59 -4.66 5.99
CA GLY B 195 -6.63 -4.51 7.42
C GLY B 195 -7.34 -5.67 8.07
N GLU B 196 -8.66 -5.70 7.98
CA GLU B 196 -9.45 -6.83 8.44
C GLU B 196 -10.08 -7.57 7.26
N GLY B 197 -9.47 -7.37 6.09
CA GLY B 197 -9.90 -7.99 4.85
C GLY B 197 -9.19 -7.30 3.71
N LYS B 198 -9.56 -7.63 2.47
CA LYS B 198 -9.02 -6.91 1.33
C LYS B 198 -10.06 -6.69 0.22
N ILE B 199 -10.72 -5.55 0.28
CA ILE B 199 -11.70 -5.18 -0.73
C ILE B 199 -11.02 -4.34 -1.82
N THR B 200 -11.24 -4.72 -3.07
CA THR B 200 -10.71 -3.97 -4.20
C THR B 200 -11.82 -3.50 -5.13
N GLY B 201 -11.81 -2.21 -5.45
CA GLY B 201 -12.82 -1.63 -6.32
C GLY B 201 -12.62 -0.14 -6.47
N LYS B 202 -13.51 0.50 -7.23
CA LYS B 202 -13.39 1.94 -7.46
C LYS B 202 -13.91 2.74 -6.27
N LEU B 203 -13.02 3.50 -5.63
CA LEU B 203 -13.41 4.40 -4.56
C LEU B 203 -14.40 5.43 -5.10
N VAL B 204 -15.67 5.28 -4.74
CA VAL B 204 -16.72 6.12 -5.31
C VAL B 204 -17.08 7.32 -4.44
N GLY B 205 -16.62 7.32 -3.19
CA GLY B 205 -16.88 8.45 -2.31
C GLY B 205 -16.82 8.16 -0.82
N LEU B 206 -17.47 9.03 -0.05
CA LEU B 206 -17.46 8.95 1.40
C LEU B 206 -18.88 9.00 1.94
N SER B 207 -19.20 8.13 2.88
CA SER B 207 -20.53 8.13 3.50
C SER B 207 -20.64 9.24 4.55
N GLU B 208 -21.87 9.53 4.96
CA GLU B 208 -22.10 10.55 5.97
C GLU B 208 -21.59 10.10 7.34
N LYS B 209 -21.27 8.81 7.44
CA LYS B 209 -20.71 8.26 8.67
C LYS B 209 -19.19 8.34 8.67
N GLY B 210 -18.63 8.71 7.52
CA GLY B 210 -17.19 8.83 7.38
C GLY B 210 -16.56 7.59 6.78
N GLY B 211 -17.40 6.63 6.39
CA GLY B 211 -16.93 5.39 5.83
C GLY B 211 -16.53 5.52 4.36
N ALA B 212 -15.56 4.72 3.95
CA ALA B 212 -15.11 4.71 2.56
C ALA B 212 -16.04 3.85 1.70
N LEU B 213 -16.54 4.44 0.62
CA LEU B 213 -17.46 3.73 -0.27
C LEU B 213 -16.71 3.13 -1.45
N ILE B 214 -16.57 1.81 -1.44
CA ILE B 214 -15.85 1.10 -2.50
C ILE B 214 -16.82 0.34 -3.39
N LEU B 215 -16.73 0.58 -4.69
CA LEU B 215 -17.58 -0.10 -5.67
C LEU B 215 -16.95 -1.43 -6.08
N THR B 216 -17.47 -2.52 -5.52
CA THR B 216 -17.00 -3.86 -5.89
C THR B 216 -17.90 -4.42 -6.99
N GLU B 217 -17.60 -5.63 -7.42
CA GLU B 217 -18.41 -6.28 -8.45
C GLU B 217 -19.84 -6.48 -7.95
N GLU B 218 -19.97 -6.80 -6.67
CA GLU B 218 -21.29 -7.03 -6.08
C GLU B 218 -21.69 -5.93 -5.09
N GLY B 219 -21.77 -4.70 -5.59
CA GLY B 219 -22.29 -3.59 -4.81
C GLY B 219 -21.25 -2.66 -4.21
N ILE B 220 -21.69 -1.47 -3.83
CA ILE B 220 -20.83 -0.50 -3.15
C ILE B 220 -20.81 -0.80 -1.66
N LYS B 221 -19.63 -1.09 -1.13
CA LYS B 221 -19.49 -1.42 0.28
C LYS B 221 -18.97 -0.23 1.08
N GLU B 222 -19.49 -0.05 2.29
CA GLU B 222 -19.09 1.05 3.14
C GLU B 222 -18.14 0.57 4.23
N ILE B 223 -16.89 1.02 4.16
CA ILE B 223 -15.87 0.62 5.12
C ILE B 223 -15.80 1.60 6.29
N LEU B 224 -16.08 1.11 7.49
CA LEU B 224 -16.13 1.97 8.68
C LEU B 224 -14.94 1.75 9.61
N SER B 225 -14.34 0.57 9.53
CA SER B 225 -13.24 0.20 10.42
C SER B 225 -12.01 1.08 10.22
N GLY B 226 -11.45 1.57 11.31
CA GLY B 226 -10.24 2.37 11.27
C GLY B 226 -9.03 1.50 10.94
N GLU B 227 -9.15 0.21 11.21
CA GLU B 227 -8.09 -0.75 10.89
C GLU B 227 -7.61 -0.60 9.46
N PHE B 228 -8.55 -0.48 8.53
CA PHE B 228 -8.25 -0.45 7.11
C PHE B 228 -7.36 0.71 6.69
N SER B 229 -6.37 0.40 5.86
CA SER B 229 -5.54 1.42 5.21
C SER B 229 -5.85 1.40 3.72
N LEU B 230 -5.83 2.58 3.10
CA LEU B 230 -6.18 2.69 1.69
C LEU B 230 -4.95 2.90 0.82
N ARG B 231 -4.66 1.91 -0.03
CA ARG B 231 -3.55 1.98 -0.95
C ARG B 231 -4.03 1.80 -2.40
N ARG B 232 -3.24 2.29 -3.35
CA ARG B 232 -3.61 2.18 -4.76
C ARG B 232 -3.79 0.74 -5.20
N SER B 233 -4.42 0.55 -6.36
CA SER B 233 -4.60 -0.77 -6.94
C SER B 233 -5.23 -0.70 -8.33
#